data_5FBM
#
_entry.id   5FBM
#
_cell.length_a   32.458
_cell.length_b   76.333
_cell.length_c   36.933
_cell.angle_alpha   90.000
_cell.angle_beta   107.210
_cell.angle_gamma   90.000
#
_symmetry.space_group_name_H-M   'P 1 21 1'
#
loop_
_entity.id
_entity.type
_entity.pdbx_description
1 polymer 'DNA-binding protein HU'
2 water water
#
_entity_poly.entity_id   1
_entity_poly.type   'polypeptide(L)'
_entity_poly.pdbx_seq_one_letter_code
;MANKQDLIAKVAEATELTKKDSAAAVDAVFSAVSSYLAKGEKVQLIGFGNFEVRERAARKGRNPQTGEEIKIKASKVPAF
KAGKALKDAVKHHHHHHHH
;
_entity_poly.pdbx_strand_id   A,B
#
# COMPACT_ATOMS: atom_id res chain seq x y z
N ALA A 2 12.84 -2.76 2.73
CA ALA A 2 12.34 -4.11 2.36
C ALA A 2 11.82 -4.18 0.92
N ASN A 3 11.83 -5.38 0.34
CA ASN A 3 11.34 -5.55 -1.01
C ASN A 3 10.24 -6.62 -1.04
N LYS A 4 9.74 -6.89 -2.25
CA LYS A 4 8.61 -7.83 -2.38
C LYS A 4 8.99 -9.19 -1.82
N GLN A 5 10.21 -9.64 -2.09
CA GLN A 5 10.62 -10.97 -1.62
C GLN A 5 10.70 -11.01 -0.10
N ASP A 6 11.08 -9.89 0.54
CA ASP A 6 11.04 -9.78 2.00
C ASP A 6 9.62 -9.81 2.53
N LEU A 7 8.70 -9.11 1.87
CA LEU A 7 7.31 -9.21 2.26
C LEU A 7 6.80 -10.65 2.16
N ILE A 8 7.09 -11.31 1.05
CA ILE A 8 6.67 -12.70 0.86
C ILE A 8 7.16 -13.57 2.01
N ALA A 9 8.43 -13.39 2.41
CA ALA A 9 8.98 -14.19 3.50
C ALA A 9 8.25 -13.90 4.82
N LYS A 10 7.87 -12.65 5.06
CA LYS A 10 7.11 -12.32 6.27
C LYS A 10 5.73 -12.94 6.25
N VAL A 11 5.06 -12.90 5.09
CA VAL A 11 3.73 -13.51 4.97
C VAL A 11 3.81 -15.02 5.23
N ALA A 12 4.79 -15.67 4.61
CA ALA A 12 4.97 -17.09 4.84
C ALA A 12 5.21 -17.37 6.31
N GLU A 13 6.03 -16.56 6.96
CA GLU A 13 6.35 -16.81 8.35
C GLU A 13 5.12 -16.58 9.23
N ALA A 14 4.32 -15.56 8.90
CA ALA A 14 3.13 -15.25 9.68
C ALA A 14 2.06 -16.34 9.53
N THR A 15 1.86 -16.83 8.32
CA THR A 15 0.71 -17.68 8.06
C THR A 15 1.06 -19.17 8.03
N GLU A 16 2.34 -19.49 7.84
CA GLU A 16 2.86 -20.84 7.67
C GLU A 16 2.45 -21.42 6.32
N LEU A 17 1.85 -20.61 5.44
CA LEU A 17 1.71 -20.99 4.04
C LEU A 17 3.09 -21.18 3.40
N THR A 18 3.12 -21.99 2.34
CA THR A 18 4.37 -22.15 1.61
C THR A 18 4.81 -20.81 1.04
N LYS A 19 6.12 -20.72 0.74
CA LYS A 19 6.59 -19.48 0.11
C LYS A 19 5.96 -19.35 -1.25
N LYS A 20 5.69 -20.47 -1.90
CA LYS A 20 5.10 -20.42 -3.22
C LYS A 20 3.69 -19.84 -3.17
N ASP A 21 2.86 -20.30 -2.24
CA ASP A 21 1.52 -19.72 -2.12
C ASP A 21 1.59 -18.27 -1.64
N SER A 22 2.52 -17.97 -0.75
CA SER A 22 2.63 -16.62 -0.21
C SER A 22 2.97 -15.66 -1.34
N ALA A 23 3.87 -16.08 -2.23
CA ALA A 23 4.26 -15.25 -3.37
C ALA A 23 3.10 -15.05 -4.33
N ALA A 24 2.37 -16.11 -4.67
CA ALA A 24 1.18 -15.94 -5.51
C ALA A 24 0.18 -14.97 -4.88
N ALA A 25 -0.03 -15.07 -3.57
CA ALA A 25 -0.96 -14.19 -2.86
C ALA A 25 -0.51 -12.72 -2.88
N VAL A 26 0.77 -12.48 -2.59
CA VAL A 26 1.30 -11.11 -2.66
C VAL A 26 1.13 -10.54 -4.06
N ASP A 27 1.48 -11.33 -5.07
CA ASP A 27 1.36 -10.82 -6.41
C ASP A 27 -0.10 -10.57 -6.76
N ALA A 28 -1.01 -11.45 -6.30
CA ALA A 28 -2.42 -11.28 -6.63
C ALA A 28 -3.00 -10.03 -5.95
N VAL A 29 -2.60 -9.77 -4.71
CA VAL A 29 -3.04 -8.58 -3.97
C VAL A 29 -2.69 -7.32 -4.73
N PHE A 30 -1.41 -7.16 -5.09
CA PHE A 30 -1.04 -5.88 -5.68
C PHE A 30 -1.46 -5.78 -7.15
N SER A 31 -1.57 -6.91 -7.84
CA SER A 31 -2.21 -6.91 -9.14
C SER A 31 -3.66 -6.47 -9.05
N ALA A 32 -4.37 -6.91 -8.02
CA ALA A 32 -5.78 -6.56 -7.88
C ALA A 32 -5.94 -5.08 -7.53
N VAL A 33 -5.10 -4.56 -6.62
CA VAL A 33 -5.19 -3.14 -6.30
C VAL A 33 -4.94 -2.31 -7.56
N SER A 34 -3.86 -2.63 -8.28
CA SER A 34 -3.57 -1.95 -9.53
C SER A 34 -4.76 -1.97 -10.47
N SER A 35 -5.39 -3.14 -10.63
CA SER A 35 -6.49 -3.24 -11.59
C SER A 35 -7.68 -2.41 -11.15
N TYR A 36 -8.00 -2.42 -9.86
CA TYR A 36 -9.15 -1.66 -9.40
C TYR A 36 -8.89 -0.17 -9.57
N LEU A 37 -7.68 0.29 -9.21
CA LEU A 37 -7.31 1.69 -9.46
C LEU A 37 -7.40 2.03 -10.95
N ALA A 38 -6.93 1.14 -11.82
CA ALA A 38 -6.97 1.45 -13.24
C ALA A 38 -8.40 1.53 -13.74
N LYS A 39 -9.31 0.78 -13.13
CA LYS A 39 -10.74 0.92 -13.38
C LYS A 39 -11.33 2.15 -12.71
N GLY A 40 -10.52 2.95 -12.04
CA GLY A 40 -11.03 4.13 -11.37
C GLY A 40 -11.87 3.85 -10.14
N GLU A 41 -11.75 2.66 -9.56
CA GLU A 41 -12.44 2.39 -8.31
C GLU A 41 -11.59 2.84 -7.13
N LYS A 42 -12.29 3.10 -6.03
CA LYS A 42 -11.68 3.26 -4.73
C LYS A 42 -11.38 1.88 -4.12
N VAL A 43 -10.23 1.75 -3.49
CA VAL A 43 -9.86 0.51 -2.79
C VAL A 43 -9.76 0.84 -1.31
N GLN A 44 -10.72 0.37 -0.52
CA GLN A 44 -10.74 0.61 0.93
C GLN A 44 -10.31 -0.65 1.66
N LEU A 45 -9.25 -0.56 2.43
CA LEU A 45 -8.67 -1.69 3.17
C LEU A 45 -8.73 -1.39 4.66
N ILE A 46 -9.78 -1.87 5.31
CA ILE A 46 -10.00 -1.54 6.71
C ILE A 46 -8.81 -2.03 7.52
N GLY A 47 -8.37 -1.17 8.44
CA GLY A 47 -7.18 -1.44 9.23
C GLY A 47 -5.86 -1.10 8.57
N PHE A 48 -5.86 -0.54 7.36
CA PHE A 48 -4.63 -0.18 6.66
C PHE A 48 -4.74 1.20 6.03
N GLY A 49 -5.58 1.32 5.00
CA GLY A 49 -5.88 2.61 4.38
C GLY A 49 -6.60 2.42 3.06
N ASN A 50 -6.72 3.52 2.31
CA ASN A 50 -7.53 3.59 1.09
C ASN A 50 -6.65 4.02 -0.06
N PHE A 51 -6.78 3.36 -1.21
CA PHE A 51 -6.15 3.79 -2.44
C PHE A 51 -7.22 4.36 -3.36
N GLU A 52 -6.91 5.49 -3.97
CA GLU A 52 -7.85 6.08 -4.91
C GLU A 52 -7.07 7.01 -5.84
N VAL A 53 -7.49 7.04 -7.11
CA VAL A 53 -6.86 7.89 -8.09
C VAL A 53 -7.40 9.30 -7.87
N ARG A 54 -6.49 10.28 -7.76
CA ARG A 54 -6.87 11.68 -7.66
C ARG A 54 -6.33 12.45 -8.87
N GLU A 55 -7.08 13.48 -9.28
CA GLU A 55 -6.67 14.30 -10.42
C GLU A 55 -5.83 15.47 -9.91
N ARG A 56 -4.75 15.72 -10.59
CA ARG A 56 -3.87 16.84 -10.32
C ARG A 56 -3.96 17.73 -11.54
N ALA A 57 -4.32 19.00 -11.34
CA ALA A 57 -4.50 19.90 -12.46
C ALA A 57 -3.16 20.31 -13.05
N ALA A 58 -3.19 20.63 -14.34
CA ALA A 58 -2.07 21.29 -14.99
C ALA A 58 -1.63 22.52 -14.21
N ARG A 59 -0.32 22.73 -14.16
CA ARG A 59 0.26 23.88 -13.49
C ARG A 59 1.18 24.61 -14.46
N LYS A 60 1.25 25.95 -14.30
CA LYS A 60 2.15 26.78 -15.10
C LYS A 60 3.08 27.59 -14.19
N GLU A 69 10.21 29.48 -17.74
CA GLU A 69 8.79 29.11 -17.78
C GLU A 69 8.61 27.58 -17.91
N ILE A 70 7.71 27.00 -17.11
CA ILE A 70 7.59 25.56 -16.97
C ILE A 70 6.11 25.20 -16.92
N LYS A 71 5.73 24.10 -17.57
CA LYS A 71 4.32 23.70 -17.64
C LYS A 71 4.21 22.22 -17.35
N ILE A 72 3.47 21.88 -16.29
CA ILE A 72 3.19 20.49 -15.92
C ILE A 72 1.77 20.16 -16.31
N LYS A 73 1.61 19.08 -17.08
CA LYS A 73 0.31 18.65 -17.57
C LYS A 73 -0.52 18.04 -16.43
N ALA A 74 -1.84 18.03 -16.62
CA ALA A 74 -2.72 17.34 -15.70
C ALA A 74 -2.28 15.89 -15.57
N SER A 75 -2.59 15.29 -14.42
CA SER A 75 -2.21 13.91 -14.18
C SER A 75 -3.28 13.23 -13.34
N LYS A 76 -3.29 11.90 -13.44
CA LYS A 76 -4.03 11.01 -12.56
C LYS A 76 -3.03 10.30 -11.66
N VAL A 77 -3.10 10.58 -10.37
CA VAL A 77 -2.11 10.15 -9.40
C VAL A 77 -2.74 9.03 -8.58
N PRO A 78 -2.21 7.79 -8.62
CA PRO A 78 -2.68 6.78 -7.67
C PRO A 78 -2.18 7.09 -6.27
N ALA A 79 -3.09 7.39 -5.36
CA ALA A 79 -2.78 8.00 -4.09
C ALA A 79 -3.28 7.11 -2.97
N PHE A 80 -2.61 7.19 -1.83
CA PHE A 80 -2.88 6.37 -0.64
C PHE A 80 -3.24 7.26 0.54
N LYS A 81 -4.31 6.93 1.27
CA LYS A 81 -4.62 7.59 2.54
C LYS A 81 -4.57 6.56 3.66
N ALA A 82 -3.63 6.75 4.59
CA ALA A 82 -3.43 5.78 5.66
C ALA A 82 -4.55 5.85 6.68
N GLY A 83 -4.96 4.69 7.18
CA GLY A 83 -5.83 4.63 8.34
C GLY A 83 -5.13 5.00 9.65
N LYS A 84 -5.96 5.26 10.66
CA LYS A 84 -5.48 5.66 11.99
C LYS A 84 -4.58 4.60 12.60
N ALA A 85 -4.89 3.32 12.36
CA ALA A 85 -4.08 2.26 12.94
C ALA A 85 -2.65 2.37 12.44
N LEU A 86 -2.49 2.60 11.14
CA LEU A 86 -1.17 2.66 10.54
C LEU A 86 -0.45 3.94 10.95
N LYS A 87 -1.15 5.07 10.88
CA LYS A 87 -0.56 6.34 11.29
C LYS A 87 -0.08 6.28 12.73
N ASP A 88 -0.89 5.66 13.60
CA ASP A 88 -0.51 5.53 15.00
C ASP A 88 0.77 4.70 15.14
N ALA A 89 0.80 3.52 14.54
CA ALA A 89 1.97 2.64 14.61
C ALA A 89 3.23 3.36 14.14
N VAL A 90 3.17 3.97 12.96
CA VAL A 90 4.34 4.65 12.42
C VAL A 90 4.80 5.77 13.35
N LYS A 91 3.86 6.54 13.91
CA LYS A 91 4.24 7.71 14.69
C LYS A 91 4.87 7.32 16.02
N HIS A 92 4.37 6.25 16.64
CA HIS A 92 4.85 5.81 17.95
C HIS A 92 6.29 5.32 17.85
N ALA B 2 -14.05 -1.09 -4.32
CA ALA B 2 -13.58 -2.42 -3.90
C ALA B 2 -13.06 -2.33 -2.47
N ASN B 3 -13.11 -3.45 -1.73
CA ASN B 3 -12.63 -3.46 -0.35
C ASN B 3 -11.79 -4.73 -0.10
N LYS B 4 -11.50 -4.99 1.17
CA LYS B 4 -10.61 -6.12 1.48
C LYS B 4 -11.25 -7.45 1.04
N GLN B 5 -12.55 -7.56 1.20
CA GLN B 5 -13.25 -8.78 0.80
C GLN B 5 -13.09 -9.04 -0.69
N ASP B 6 -13.12 -8.00 -1.51
CA ASP B 6 -12.91 -8.18 -2.94
C ASP B 6 -11.47 -8.60 -3.24
N LEU B 7 -10.48 -8.08 -2.51
CA LEU B 7 -9.11 -8.52 -2.76
C LEU B 7 -8.96 -9.97 -2.42
N ILE B 8 -9.56 -10.37 -1.31
CA ILE B 8 -9.53 -11.77 -0.87
C ILE B 8 -10.11 -12.66 -1.95
N ALA B 9 -11.25 -12.28 -2.54
CA ALA B 9 -11.82 -13.04 -3.64
C ALA B 9 -10.83 -13.18 -4.81
N LYS B 10 -10.10 -12.10 -5.13
CA LYS B 10 -9.12 -12.12 -6.22
C LYS B 10 -7.98 -13.05 -5.89
N VAL B 11 -7.53 -13.02 -4.63
CA VAL B 11 -6.46 -13.91 -4.21
C VAL B 11 -6.89 -15.36 -4.34
N ALA B 12 -8.09 -15.68 -3.86
CA ALA B 12 -8.54 -17.06 -3.91
C ALA B 12 -8.72 -17.50 -5.35
N GLU B 13 -9.31 -16.63 -6.18
CA GLU B 13 -9.45 -16.90 -7.59
C GLU B 13 -8.11 -17.12 -8.26
N ALA B 14 -7.12 -16.28 -7.94
CA ALA B 14 -5.83 -16.32 -8.62
C ALA B 14 -4.92 -17.45 -8.13
N THR B 15 -5.09 -17.94 -6.90
CA THR B 15 -4.12 -18.81 -6.25
C THR B 15 -4.75 -20.17 -5.95
N GLU B 16 -3.96 -21.06 -5.34
CA GLU B 16 -4.48 -22.37 -4.95
C GLU B 16 -5.34 -22.30 -3.69
N LEU B 17 -5.55 -21.11 -3.11
CA LEU B 17 -5.92 -21.00 -1.71
C LEU B 17 -7.42 -20.97 -1.49
N THR B 18 -7.85 -21.59 -0.39
CA THR B 18 -9.21 -21.46 0.08
C THR B 18 -9.49 -20.01 0.47
N LYS B 19 -10.77 -19.72 0.59
CA LYS B 19 -11.22 -18.39 0.96
C LYS B 19 -10.67 -17.99 2.32
N LYS B 20 -10.70 -18.92 3.28
CA LYS B 20 -10.14 -18.61 4.59
C LYS B 20 -8.62 -18.40 4.54
N ASP B 21 -7.89 -19.22 3.78
CA ASP B 21 -6.45 -19.01 3.67
C ASP B 21 -6.15 -17.71 2.94
N SER B 22 -6.95 -17.38 1.91
CA SER B 22 -6.75 -16.10 1.21
C SER B 22 -6.92 -14.92 2.15
N ALA B 23 -7.89 -15.00 3.06
CA ALA B 23 -8.11 -13.89 3.97
C ALA B 23 -6.94 -13.76 4.94
N ALA B 24 -6.43 -14.89 5.45
CA ALA B 24 -5.22 -14.89 6.26
C ALA B 24 -4.05 -14.26 5.51
N ALA B 25 -3.90 -14.62 4.24
CA ALA B 25 -2.79 -14.10 3.43
C ALA B 25 -2.93 -12.59 3.23
N VAL B 26 -4.13 -12.12 2.89
CA VAL B 26 -4.27 -10.68 2.63
C VAL B 26 -3.98 -9.87 3.91
N ASP B 27 -4.54 -10.33 5.04
CA ASP B 27 -4.27 -9.64 6.31
C ASP B 27 -2.80 -9.64 6.63
N ALA B 28 -2.10 -10.77 6.33
CA ALA B 28 -0.67 -10.86 6.64
C ALA B 28 0.16 -9.91 5.80
N VAL B 29 -0.23 -9.73 4.53
CA VAL B 29 0.43 -8.78 3.63
C VAL B 29 0.39 -7.39 4.22
N PHE B 30 -0.82 -6.89 4.55
CA PHE B 30 -0.91 -5.53 5.07
C PHE B 30 -0.37 -5.41 6.49
N SER B 31 -0.46 -6.47 7.31
CA SER B 31 0.22 -6.44 8.59
C SER B 31 1.74 -6.34 8.43
N ALA B 32 2.27 -7.00 7.42
CA ALA B 32 3.72 -6.97 7.20
C ALA B 32 4.17 -5.58 6.74
N VAL B 33 3.44 -4.97 5.79
CA VAL B 33 3.75 -3.62 5.37
C VAL B 33 3.74 -2.70 6.57
N SER B 34 2.67 -2.76 7.37
CA SER B 34 2.57 -1.90 8.54
C SER B 34 3.74 -2.12 9.50
N SER B 35 4.11 -3.38 9.73
CA SER B 35 5.23 -3.69 10.61
C SER B 35 6.55 -3.10 10.10
N TYR B 36 6.81 -3.14 8.79
CA TYR B 36 8.02 -2.50 8.28
C TYR B 36 7.98 -0.99 8.46
N LEU B 37 6.85 -0.37 8.14
CA LEU B 37 6.79 1.09 8.24
C LEU B 37 6.91 1.52 9.67
N ALA B 38 6.27 0.76 10.57
CA ALA B 38 6.37 1.10 11.98
C ALA B 38 7.82 1.08 12.41
N LYS B 39 8.60 0.10 11.93
CA LYS B 39 10.04 0.08 12.19
C LYS B 39 10.80 1.19 11.49
N GLY B 40 10.17 1.96 10.59
CA GLY B 40 10.86 2.99 9.85
C GLY B 40 11.49 2.55 8.53
N GLU B 41 11.25 1.32 8.10
CA GLU B 41 11.82 0.77 6.89
C GLU B 41 10.87 0.94 5.72
N LYS B 42 11.40 1.41 4.59
CA LYS B 42 10.64 1.51 3.34
C LYS B 42 10.32 0.13 2.81
N VAL B 43 9.18 0.05 2.13
CA VAL B 43 8.77 -1.17 1.48
C VAL B 43 8.65 -0.87 0.00
N GLN B 44 9.55 -1.45 -0.80
CA GLN B 44 9.63 -1.21 -2.23
C GLN B 44 9.06 -2.39 -3.00
N LEU B 45 7.97 -2.17 -3.74
CA LEU B 45 7.29 -3.27 -4.45
C LEU B 45 7.38 -3.01 -5.95
N ILE B 46 8.30 -3.70 -6.61
CA ILE B 46 8.53 -3.46 -8.03
C ILE B 46 7.25 -3.71 -8.81
N GLY B 47 6.90 -2.78 -9.69
CA GLY B 47 5.66 -2.89 -10.43
C GLY B 47 4.41 -2.48 -9.69
N PHE B 48 4.53 -1.84 -8.53
CA PHE B 48 3.39 -1.26 -7.83
C PHE B 48 3.78 0.09 -7.28
N GLY B 49 4.68 0.11 -6.30
CA GLY B 49 5.14 1.38 -5.76
C GLY B 49 5.87 1.15 -4.46
N ASN B 50 6.21 2.26 -3.79
CA ASN B 50 6.97 2.23 -2.54
C ASN B 50 6.17 2.82 -1.39
N PHE B 51 6.12 2.09 -0.29
CA PHE B 51 5.58 2.62 0.97
C PHE B 51 6.75 3.18 1.76
N GLU B 52 6.66 4.46 2.13
CA GLU B 52 7.73 5.19 2.78
C GLU B 52 7.24 5.77 4.10
N VAL B 53 8.20 6.23 4.89
CA VAL B 53 7.93 6.99 6.10
C VAL B 53 8.50 8.38 5.88
N ARG B 54 7.63 9.40 5.89
CA ARG B 54 8.01 10.78 5.58
C ARG B 54 7.94 11.63 6.84
N GLU B 55 8.63 12.77 6.84
CA GLU B 55 8.52 13.70 7.98
C GLU B 55 7.27 14.57 7.84
N ARG B 56 6.54 14.73 8.94
CA ARG B 56 5.58 15.82 9.09
C ARG B 56 6.35 16.98 9.67
N ALA B 57 6.17 18.16 9.08
CA ALA B 57 6.96 19.32 9.50
C ALA B 57 6.69 19.64 10.94
N ALA B 58 7.74 20.03 11.67
CA ALA B 58 7.56 20.71 12.92
C ALA B 58 6.93 22.07 12.67
N ARG B 59 6.21 22.58 13.67
CA ARG B 59 5.53 23.85 13.51
C ARG B 59 5.55 24.61 14.84
N LYS B 60 5.07 25.84 14.80
CA LYS B 60 5.07 26.75 15.94
C LYS B 60 3.65 27.16 16.33
N GLU B 68 3.52 32.66 24.88
CA GLU B 68 4.73 31.83 24.88
C GLU B 68 4.88 31.03 23.57
N GLU B 69 6.07 31.13 22.95
CA GLU B 69 6.37 30.37 21.75
C GLU B 69 6.53 28.89 22.07
N ILE B 70 6.00 28.04 21.19
CA ILE B 70 5.92 26.61 21.41
C ILE B 70 6.23 25.90 20.10
N LYS B 71 6.86 24.73 20.19
CA LYS B 71 7.23 23.95 19.00
C LYS B 71 6.53 22.59 19.03
N ILE B 72 5.81 22.26 17.97
CA ILE B 72 5.26 20.92 17.80
C ILE B 72 6.26 20.09 17.01
N LYS B 73 6.71 19.01 17.62
CA LYS B 73 7.82 18.23 17.08
C LYS B 73 7.47 17.65 15.72
N ALA B 74 8.48 17.56 14.85
CA ALA B 74 8.36 16.80 13.62
C ALA B 74 7.99 15.36 13.94
N SER B 75 7.15 14.78 13.10
CA SER B 75 6.57 13.45 13.26
C SER B 75 6.89 12.65 12.03
N LYS B 76 6.67 11.33 12.11
CA LYS B 76 6.76 10.43 10.98
C LYS B 76 5.35 10.03 10.53
N VAL B 77 5.14 9.99 9.21
CA VAL B 77 3.84 9.57 8.68
C VAL B 77 4.06 8.64 7.50
N PRO B 78 3.14 7.71 7.31
CA PRO B 78 3.23 6.82 6.15
C PRO B 78 2.89 7.54 4.87
N ALA B 79 3.54 7.12 3.80
CA ALA B 79 3.29 7.68 2.50
C ALA B 79 3.45 6.58 1.48
N PHE B 80 2.87 6.84 0.31
CA PHE B 80 2.92 5.92 -0.82
C PHE B 80 3.37 6.66 -2.06
N LYS B 81 4.31 6.11 -2.79
CA LYS B 81 4.76 6.67 -4.07
C LYS B 81 4.53 5.65 -5.17
N ALA B 82 3.54 5.90 -6.02
CA ALA B 82 3.21 4.92 -7.06
C ALA B 82 4.40 4.70 -8.00
N GLY B 83 4.57 3.47 -8.48
CA GLY B 83 5.60 3.18 -9.45
C GLY B 83 5.15 3.45 -10.88
N LYS B 84 6.10 3.34 -11.81
CA LYS B 84 5.84 3.76 -13.18
C LYS B 84 4.78 2.88 -13.82
N ALA B 85 4.81 1.58 -13.54
CA ALA B 85 3.81 0.68 -14.11
C ALA B 85 2.41 1.06 -13.65
N LEU B 86 2.25 1.31 -12.34
CA LEU B 86 0.95 1.70 -11.82
C LEU B 86 0.53 3.06 -12.39
N LYS B 87 1.43 4.05 -12.38
CA LYS B 87 1.04 5.35 -12.93
C LYS B 87 0.61 5.24 -14.39
N ASP B 88 1.37 4.48 -15.19
CA ASP B 88 1.02 4.31 -16.61
C ASP B 88 -0.30 3.57 -16.74
N ALA B 89 -0.55 2.60 -15.86
CA ALA B 89 -1.79 1.86 -15.90
C ALA B 89 -3.00 2.75 -15.66
N VAL B 90 -2.83 3.75 -14.79
CA VAL B 90 -3.92 4.65 -14.44
C VAL B 90 -4.12 5.71 -15.52
N LYS B 91 -3.03 6.16 -16.14
CA LYS B 91 -3.08 7.26 -17.10
C LYS B 91 -3.30 6.75 -18.52
#